data_2YDR
#
_entry.id   2YDR
#
_cell.length_a   117.950
_cell.length_b   117.950
_cell.length_c   148.121
_cell.angle_alpha   90.00
_cell.angle_beta   90.00
_cell.angle_gamma   120.00
#
_symmetry.space_group_name_H-M   'P 61'
#
loop_
_entity.id
_entity.type
_entity.pdbx_description
1 polymer 'O-GLCNACASE NAGJ'
2 polymer 'CELLULAR TUMOR ANTIGEN P53'
3 non-polymer 'CADMIUM ION'
4 non-polymer 2-acetamido-2-deoxy-beta-D-glucopyranose
5 water water
#
loop_
_entity_poly.entity_id
_entity_poly.type
_entity_poly.pdbx_seq_one_letter_code
_entity_poly.pdbx_strand_id
1 'polypeptide(L)'
;GSVGPKTGEENQVLVPNLNPTPENLEVVGDGFKITSSINLVGEEEADENAVNALREFLTANNIEINSENDPNSTTLIIGE
VDDDIPELDEALNGTTAENLKEEGYALVSNDGKIAIEGKDGDGTFYGVQTFKQLVKESNIPEVNITDYPTVSARGIVEGF
YGTPWTHQDRLDQIKFYGENKLNTYIYAPKDDPYHREKWREPYPESEMQRMQELINASAENKVDFVFGISPGIDIRFDGD
AGEEDFNHLITKAESLYDMGVRSFAIYWDNIQDKSAAKHAQVLNRFNEEFVKAKGDVKPLITVPTEYDTGAMVSNGQPRA
YTRIFAETVDPSIEVMWTGPGVVTNEIPLSDAQLISGIYDRNMAVWWNYPVTDYFKGKLALGPMHGLDKGLNQYVDFFTV
NPMEHAELSKISIHTAADYSWNMDNYDYDKAWNRAIDMLYGDLAEDMKVFANHSTRMDNKTWAKSGREDAPELRAKMDEL
WNKLSSKEDASALIEELYGEFARMEEACNNLKANLPEVALEECSRQLDELITLAQGDKASLDMIVAQLNEDTEAYESAKE
IAQNKLNTALSSFAVISEKVAQSFIQEALS
;
A
2 'polypeptide(L)' QLWVDSTPPPG P
#
# COMPACT_ATOMS: atom_id res chain seq x y z
N GLN A 12 -4.98 -19.88 27.87
CA GLN A 12 -3.86 -19.34 27.01
C GLN A 12 -4.28 -18.52 25.76
N VAL A 13 -3.65 -17.37 25.60
CA VAL A 13 -4.04 -16.37 24.62
C VAL A 13 -3.05 -16.40 23.48
N LEU A 14 -3.53 -16.75 22.29
CA LEU A 14 -2.67 -16.76 21.10
C LEU A 14 -2.42 -15.35 20.59
N VAL A 15 -1.21 -15.12 20.08
CA VAL A 15 -0.92 -13.89 19.39
C VAL A 15 -1.85 -13.82 18.15
N PRO A 16 -2.68 -12.77 18.03
CA PRO A 16 -3.50 -12.63 16.83
C PRO A 16 -2.68 -12.19 15.64
N ASN A 17 -3.30 -12.13 14.47
CA ASN A 17 -2.69 -11.52 13.28
C ASN A 17 -2.24 -10.09 13.56
N LEU A 18 -0.95 -9.85 13.30
CA LEU A 18 -0.37 -8.52 13.49
C LEU A 18 0.15 -7.98 12.17
N ASN A 19 -0.02 -6.68 11.96
CA ASN A 19 0.51 -6.04 10.77
C ASN A 19 0.93 -4.61 11.00
N PRO A 20 2.20 -4.29 10.67
CA PRO A 20 3.24 -5.21 10.19
C PRO A 20 3.73 -6.21 11.24
N THR A 21 4.48 -7.20 10.79
CA THR A 21 5.18 -8.17 11.67
C THR A 21 6.22 -7.48 12.53
N PRO A 22 6.03 -7.50 13.85
CA PRO A 22 7.04 -6.87 14.72
C PRO A 22 8.39 -7.55 14.55
N GLU A 23 9.49 -6.82 14.62
CA GLU A 23 10.80 -7.44 14.47
C GLU A 23 11.09 -8.56 15.47
N ASN A 24 11.01 -8.25 16.77
CA ASN A 24 11.30 -9.20 17.83
C ASN A 24 10.07 -9.40 18.71
N LEU A 25 9.48 -10.59 18.67
CA LEU A 25 8.35 -10.91 19.54
C LEU A 25 8.58 -12.23 20.23
N GLU A 26 8.30 -12.27 21.52
CA GLU A 26 8.41 -13.51 22.30
C GLU A 26 7.23 -13.71 23.21
N VAL A 27 6.64 -14.91 23.21
CA VAL A 27 5.60 -15.18 24.20
C VAL A 27 6.26 -15.52 25.52
N VAL A 28 5.82 -14.86 26.58
CA VAL A 28 6.44 -15.02 27.88
C VAL A 28 5.48 -15.51 28.96
N GLY A 29 4.22 -15.78 28.60
CA GLY A 29 3.24 -16.16 29.61
C GLY A 29 2.02 -16.75 28.94
N ASP A 30 1.03 -17.13 29.76
CA ASP A 30 -0.22 -17.67 29.23
C ASP A 30 -1.15 -16.58 28.70
N GLY A 31 -0.88 -15.33 29.03
CA GLY A 31 -1.78 -14.24 28.67
C GLY A 31 -2.66 -13.92 29.86
N PHE A 32 -3.44 -12.85 29.73
CA PHE A 32 -4.46 -12.53 30.74
C PHE A 32 -5.62 -11.73 30.15
N LYS A 33 -6.71 -11.68 30.90
CA LYS A 33 -7.79 -10.76 30.57
C LYS A 33 -7.45 -9.42 31.18
N ILE A 34 -7.60 -8.37 30.39
CA ILE A 34 -7.53 -7.01 30.90
C ILE A 34 -8.81 -6.72 31.69
N THR A 35 -8.65 -6.20 32.91
CA THR A 35 -9.81 -5.90 33.73
C THR A 35 -10.73 -4.86 33.09
N SER A 36 -11.92 -4.71 33.67
CA SER A 36 -12.98 -3.78 33.22
C SER A 36 -12.56 -2.33 33.21
N SER A 37 -11.59 -2.03 34.04
CA SER A 37 -11.05 -0.70 34.08
C SER A 37 -9.58 -0.82 34.52
N ILE A 38 -8.77 0.16 34.14
CA ILE A 38 -7.32 0.01 34.20
C ILE A 38 -6.64 1.21 34.82
N ASN A 39 -5.43 1.01 35.34
CA ASN A 39 -4.65 2.14 35.83
C ASN A 39 -3.83 2.64 34.67
N LEU A 40 -3.94 3.94 34.40
CA LEU A 40 -3.17 4.50 33.31
C LEU A 40 -2.06 5.32 33.92
N VAL A 41 -0.84 5.07 33.48
CA VAL A 41 0.35 5.73 34.04
C VAL A 41 1.22 6.37 32.96
N GLY A 42 1.60 7.62 33.17
CA GLY A 42 2.55 8.31 32.32
C GLY A 42 1.92 9.06 31.18
N GLU A 43 0.59 9.12 31.18
CA GLU A 43 -0.18 9.70 30.08
C GLU A 43 -0.15 11.23 30.00
N GLU A 44 0.41 11.87 31.03
CA GLU A 44 0.58 13.33 31.07
C GLU A 44 1.86 13.74 30.32
N GLU A 45 2.81 12.82 30.19
CA GLU A 45 4.13 13.10 29.58
C GLU A 45 4.28 12.40 28.24
N ALA A 46 3.54 11.30 28.06
CA ALA A 46 3.57 10.50 26.84
C ALA A 46 2.96 11.26 25.69
N ASP A 47 3.34 10.85 24.48
CA ASP A 47 2.90 11.48 23.25
C ASP A 47 1.39 11.65 23.24
N GLU A 48 0.94 12.90 23.05
CA GLU A 48 -0.48 13.29 22.99
C GLU A 48 -1.30 12.38 22.07
N ASN A 49 -0.79 12.15 20.86
CA ASN A 49 -1.45 11.30 19.84
C ASN A 49 -1.52 9.80 20.16
N ALA A 50 -0.46 9.27 20.78
CA ALA A 50 -0.45 7.91 21.26
C ALA A 50 -1.49 7.73 22.32
N VAL A 51 -1.58 8.70 23.23
CA VAL A 51 -2.58 8.65 24.30
C VAL A 51 -4.01 8.69 23.75
N ASN A 52 -4.30 9.59 22.80
CA ASN A 52 -5.63 9.63 22.17
C ASN A 52 -5.99 8.33 21.46
N ALA A 53 -5.06 7.77 20.69
CA ALA A 53 -5.25 6.45 20.08
C ALA A 53 -5.63 5.43 21.14
N LEU A 54 -4.89 5.44 22.24
CA LEU A 54 -5.11 4.51 23.32
C LEU A 54 -6.46 4.78 23.95
N ARG A 55 -6.75 6.05 24.20
CA ARG A 55 -8.05 6.47 24.77
C ARG A 55 -9.23 6.02 23.90
N GLU A 56 -9.19 6.28 22.59
CA GLU A 56 -10.30 5.85 21.70
C GLU A 56 -10.53 4.34 21.75
N PHE A 57 -9.44 3.57 21.70
CA PHE A 57 -9.55 2.13 21.71
C PHE A 57 -10.17 1.65 23.02
N LEU A 58 -9.77 2.25 24.13
CA LEU A 58 -10.31 1.84 25.42
C LEU A 58 -11.79 2.15 25.54
N THR A 59 -12.21 3.30 25.03
CA THR A 59 -13.61 3.66 25.03
C THR A 59 -14.40 2.69 24.13
N ALA A 60 -13.86 2.40 22.94
CA ALA A 60 -14.54 1.57 21.95
C ALA A 60 -14.69 0.14 22.42
N ASN A 61 -13.88 -0.24 23.40
CA ASN A 61 -13.93 -1.60 23.95
C ASN A 61 -14.44 -1.68 25.41
N ASN A 62 -15.09 -0.60 25.85
CA ASN A 62 -15.72 -0.51 27.18
C ASN A 62 -14.76 -0.73 28.34
N ILE A 63 -13.59 -0.09 28.28
CA ILE A 63 -12.61 -0.19 29.35
C ILE A 63 -12.48 1.19 29.99
N GLU A 64 -12.89 1.31 31.25
CA GLU A 64 -12.83 2.58 31.97
C GLU A 64 -11.35 2.80 32.37
N ILE A 65 -10.99 4.07 32.60
CA ILE A 65 -9.73 4.40 33.22
C ILE A 65 -10.07 4.82 34.65
N ASN A 66 -9.35 4.25 35.62
CA ASN A 66 -9.49 4.63 37.02
C ASN A 66 -8.93 6.03 37.29
N SER A 67 -9.48 6.72 38.29
CA SER A 67 -8.96 8.04 38.70
C SER A 67 -7.91 7.87 39.80
N GLU A 68 -8.27 7.02 40.77
CA GLU A 68 -7.36 6.60 41.84
C GLU A 68 -6.83 5.20 41.47
N ASN A 69 -5.55 4.96 41.76
CA ASN A 69 -4.94 3.65 41.54
C ASN A 69 -5.75 2.53 42.20
N ASP A 70 -5.96 1.45 41.46
CA ASP A 70 -6.62 0.24 41.96
C ASP A 70 -5.65 -0.93 41.73
N PRO A 71 -5.11 -1.51 42.84
CA PRO A 71 -4.07 -2.53 42.68
C PRO A 71 -4.59 -3.86 42.10
N ASN A 72 -5.92 -4.01 42.03
CA ASN A 72 -6.61 -5.14 41.37
C ASN A 72 -6.83 -4.97 39.87
N SER A 73 -6.49 -3.79 39.36
CA SER A 73 -6.77 -3.47 37.99
C SER A 73 -5.51 -3.61 37.17
N THR A 74 -5.69 -4.07 35.93
CA THR A 74 -4.60 -4.08 34.96
C THR A 74 -4.01 -2.68 34.95
N THR A 75 -2.70 -2.59 34.78
CA THR A 75 -2.02 -1.31 34.79
C THR A 75 -1.31 -1.16 33.46
N LEU A 76 -1.51 -0.01 32.84
CA LEU A 76 -0.94 0.30 31.53
C LEU A 76 -0.04 1.52 31.67
N ILE A 77 1.24 1.35 31.35
CA ILE A 77 2.23 2.42 31.47
C ILE A 77 2.70 2.75 30.07
N ILE A 78 2.83 4.03 29.78
CA ILE A 78 3.18 4.48 28.45
C ILE A 78 4.07 5.69 28.59
N GLY A 79 4.92 5.94 27.59
CA GLY A 79 5.83 7.07 27.61
C GLY A 79 6.93 6.88 26.57
N GLU A 80 7.75 7.90 26.38
CA GLU A 80 8.89 7.84 25.50
C GLU A 80 10.14 7.59 26.32
N VAL A 81 11.20 7.14 25.67
CA VAL A 81 12.49 7.04 26.31
C VAL A 81 12.82 8.36 27.05
N ASP A 82 12.66 9.49 26.34
CA ASP A 82 13.01 10.81 26.88
C ASP A 82 12.09 11.37 27.97
N ASP A 83 11.11 10.58 28.42
CA ASP A 83 10.30 10.97 29.57
C ASP A 83 10.94 10.41 30.85
N ASP A 84 11.17 11.25 31.88
CA ASP A 84 11.70 10.72 33.17
C ASP A 84 10.57 10.06 33.96
N ILE A 85 10.25 8.83 33.55
CA ILE A 85 9.25 8.00 34.20
C ILE A 85 9.84 6.62 34.55
N PRO A 86 10.20 6.46 35.83
CA PRO A 86 10.83 5.24 36.36
C PRO A 86 9.89 4.04 36.62
N GLU A 87 8.57 4.27 36.79
CA GLU A 87 7.59 3.17 36.88
C GLU A 87 7.51 2.37 35.56
N LEU A 88 7.88 3.02 34.45
CA LEU A 88 7.95 2.42 33.09
C LEU A 88 9.15 1.51 32.92
N ASP A 89 10.35 2.01 33.20
CA ASP A 89 11.56 1.18 33.23
C ASP A 89 11.40 -0.09 34.08
N GLU A 90 10.77 0.02 35.25
CA GLU A 90 10.50 -1.15 36.10
C GLU A 90 9.57 -2.19 35.42
N ALA A 91 8.69 -1.74 34.54
CA ALA A 91 7.68 -2.62 33.92
C ALA A 91 8.15 -3.32 32.64
N LEU A 92 9.26 -2.83 32.08
CA LEU A 92 9.81 -3.38 30.86
C LEU A 92 10.68 -4.58 31.18
N ASN A 93 11.10 -4.68 32.44
CA ASN A 93 11.83 -5.84 32.92
C ASN A 93 13.11 -6.04 32.08
N GLY A 94 13.93 -5.00 32.02
CA GLY A 94 15.19 -5.05 31.27
C GLY A 94 15.10 -4.81 29.77
N THR A 95 13.89 -4.90 29.19
CA THR A 95 13.67 -4.52 27.79
C THR A 95 13.69 -2.98 27.68
N THR A 96 14.34 -2.46 26.64
CA THR A 96 14.44 -1.02 26.48
C THR A 96 14.22 -0.61 25.03
N ALA A 97 13.72 0.59 24.82
CA ALA A 97 13.64 1.17 23.48
C ALA A 97 14.79 2.15 23.19
N GLU A 98 15.62 2.43 24.19
CA GLU A 98 16.77 3.34 24.08
C GLU A 98 17.67 3.00 22.90
N ASN A 99 18.00 1.73 22.75
CA ASN A 99 18.96 1.32 21.75
C ASN A 99 18.35 1.18 20.33
N LEU A 100 17.05 1.42 20.19
CA LEU A 100 16.34 1.26 18.91
C LEU A 100 16.45 2.48 17.98
N LYS A 101 16.17 2.26 16.69
CA LYS A 101 16.16 3.36 15.74
C LYS A 101 14.86 4.19 15.85
N GLU A 102 14.83 5.36 15.21
CA GLU A 102 13.70 6.27 15.38
C GLU A 102 12.44 5.56 14.92
N GLU A 103 11.34 5.78 15.63
CA GLU A 103 10.03 5.16 15.38
C GLU A 103 9.89 3.77 16.00
N GLY A 104 10.92 3.27 16.66
CA GLY A 104 10.84 1.98 17.34
C GLY A 104 10.25 2.08 18.73
N TYR A 105 9.95 0.94 19.34
CA TYR A 105 9.34 0.93 20.65
C TYR A 105 9.57 -0.45 21.24
N ALA A 106 9.39 -0.57 22.56
CA ALA A 106 9.33 -1.86 23.24
C ALA A 106 7.95 -1.99 23.83
N LEU A 107 7.45 -3.21 23.89
CA LEU A 107 6.14 -3.46 24.47
C LEU A 107 6.29 -4.73 25.30
N VAL A 108 5.70 -4.76 26.48
CA VAL A 108 5.83 -5.88 27.38
C VAL A 108 4.49 -6.12 28.07
N SER A 109 3.99 -7.33 28.07
CA SER A 109 2.86 -7.65 28.97
C SER A 109 3.14 -8.91 29.79
N ASN A 110 3.30 -8.77 31.09
CA ASN A 110 3.36 -9.95 31.98
C ASN A 110 2.66 -9.52 33.25
N ASP A 111 2.04 -10.49 33.90
CA ASP A 111 1.68 -10.36 35.29
C ASP A 111 0.82 -9.11 35.51
N GLY A 112 -0.16 -8.91 34.62
CA GLY A 112 -1.18 -7.86 34.78
C GLY A 112 -0.76 -6.43 34.46
N LYS A 113 0.42 -6.25 33.90
CA LYS A 113 0.89 -4.94 33.48
C LYS A 113 1.20 -4.95 31.98
N ILE A 114 0.98 -3.81 31.32
CA ILE A 114 1.34 -3.61 29.91
C ILE A 114 2.16 -2.31 29.84
N ALA A 115 3.35 -2.37 29.28
CA ALA A 115 4.21 -1.20 29.25
C ALA A 115 4.54 -0.88 27.83
N ILE A 116 4.46 0.38 27.45
CA ILE A 116 4.88 0.77 26.11
C ILE A 116 5.90 1.90 26.18
N GLU A 117 7.14 1.64 25.74
CA GLU A 117 8.16 2.70 25.68
C GLU A 117 8.56 2.93 24.23
N GLY A 118 8.13 4.04 23.65
CA GLY A 118 8.60 4.41 22.33
C GLY A 118 9.98 5.07 22.37
N LYS A 119 10.79 4.84 21.33
CA LYS A 119 12.06 5.54 21.19
C LYS A 119 11.81 7.03 21.03
N ASP A 120 10.72 7.37 20.36
CA ASP A 120 10.23 8.74 20.27
C ASP A 120 8.72 8.65 20.28
N GLY A 121 8.04 9.79 20.19
CA GLY A 121 6.58 9.85 20.10
C GLY A 121 5.96 9.00 18.98
N ASP A 122 6.48 9.15 17.75
CA ASP A 122 6.14 8.25 16.64
C ASP A 122 6.13 6.78 17.15
N GLY A 123 7.21 6.41 17.84
CA GLY A 123 7.39 5.07 18.37
C GLY A 123 6.33 4.69 19.37
N THR A 124 5.94 5.64 20.22
CA THR A 124 4.95 5.38 21.24
C THR A 124 3.59 5.14 20.61
N PHE A 125 3.28 5.89 19.55
CA PHE A 125 2.02 5.76 18.81
C PHE A 125 1.96 4.35 18.16
N TYR A 126 3.06 3.97 17.50
CA TYR A 126 3.12 2.67 16.86
C TYR A 126 3.03 1.55 17.90
N GLY A 127 3.56 1.77 19.10
CA GLY A 127 3.43 0.84 20.23
C GLY A 127 1.99 0.60 20.63
N VAL A 128 1.18 1.66 20.63
CA VAL A 128 -0.26 1.55 20.88
C VAL A 128 -0.94 0.82 19.74
N GLN A 129 -0.52 1.08 18.51
CA GLN A 129 -1.08 0.38 17.36
C GLN A 129 -0.91 -1.12 17.55
N THR A 130 0.29 -1.55 17.96
CA THR A 130 0.54 -2.96 18.20
C THR A 130 -0.33 -3.45 19.34
N PHE A 131 -0.35 -2.71 20.44
CA PHE A 131 -1.24 -3.03 21.56
C PHE A 131 -2.67 -3.27 21.06
N LYS A 132 -3.23 -2.31 20.32
CA LYS A 132 -4.57 -2.45 19.73
C LYS A 132 -4.80 -3.75 18.93
N GLN A 133 -3.79 -4.25 18.23
CA GLN A 133 -3.93 -5.47 17.43
C GLN A 133 -3.88 -6.74 18.29
N LEU A 134 -3.16 -6.67 19.42
CA LEU A 134 -2.94 -7.80 20.33
C LEU A 134 -4.14 -8.13 21.18
N VAL A 135 -5.00 -7.14 21.42
CA VAL A 135 -6.13 -7.36 22.31
C VAL A 135 -7.36 -7.90 21.58
N LYS A 136 -7.81 -9.07 22.01
CA LYS A 136 -9.03 -9.69 21.47
C LYS A 136 -10.00 -9.98 22.58
N GLU A 137 -11.13 -9.28 22.55
CA GLU A 137 -12.19 -9.45 23.55
C GLU A 137 -11.64 -9.37 24.98
N SER A 138 -10.82 -8.34 25.21
CA SER A 138 -10.17 -8.07 26.49
C SER A 138 -8.94 -8.90 26.83
N ASN A 139 -8.73 -9.99 26.09
CA ASN A 139 -7.60 -10.88 26.30
C ASN A 139 -6.38 -10.39 25.55
N ILE A 140 -5.25 -10.30 26.24
CA ILE A 140 -3.99 -9.97 25.60
C ILE A 140 -2.99 -11.12 25.84
N PRO A 141 -2.09 -11.39 24.87
CA PRO A 141 -1.06 -12.34 25.21
C PRO A 141 0.02 -11.69 26.08
N GLU A 142 0.83 -12.51 26.77
CA GLU A 142 1.92 -11.99 27.55
C GLU A 142 3.14 -12.07 26.65
N VAL A 143 3.72 -10.92 26.28
CA VAL A 143 4.84 -10.88 25.31
C VAL A 143 5.97 -9.89 25.67
N ASN A 144 7.13 -10.04 25.03
CA ASN A 144 8.17 -9.03 25.08
C ASN A 144 8.55 -8.69 23.63
N ILE A 145 8.21 -7.47 23.21
CA ILE A 145 8.48 -6.96 21.87
C ILE A 145 9.49 -5.81 21.91
N THR A 146 10.40 -5.82 20.94
CA THR A 146 11.08 -4.62 20.47
C THR A 146 10.85 -4.61 18.98
N ASP A 147 10.57 -3.44 18.42
CA ASP A 147 10.12 -3.35 17.06
C ASP A 147 10.57 -1.98 16.48
N TYR A 148 10.74 -1.91 15.17
CA TYR A 148 11.27 -0.71 14.50
C TYR A 148 11.21 -1.00 12.99
N PRO A 149 11.13 0.06 12.15
CA PRO A 149 10.94 -0.15 10.73
C PRO A 149 12.25 -0.34 9.99
N THR A 150 12.23 -1.22 9.00
CA THR A 150 13.34 -1.37 8.08
C THR A 150 13.56 -0.07 7.29
N VAL A 151 12.52 0.43 6.62
CA VAL A 151 12.59 1.65 5.80
C VAL A 151 12.00 2.82 6.58
N SER A 152 12.63 3.99 6.58
CA SER A 152 12.10 5.01 7.49
C SER A 152 11.04 5.96 6.89
N ALA A 153 10.78 5.85 5.59
CA ALA A 153 9.64 6.54 5.00
C ALA A 153 8.79 5.51 4.27
N ARG A 154 7.53 5.40 4.69
CA ARG A 154 6.66 4.30 4.25
C ARG A 154 5.28 4.86 3.99
N GLY A 155 4.73 4.62 2.81
CA GLY A 155 3.38 5.06 2.59
C GLY A 155 2.91 5.14 1.17
N ILE A 156 2.11 6.16 0.88
CA ILE A 156 1.31 6.24 -0.32
C ILE A 156 1.53 7.56 -1.02
N VAL A 157 1.80 7.52 -2.32
CA VAL A 157 1.67 8.71 -3.17
C VAL A 157 0.34 8.60 -3.95
N GLU A 158 -0.65 9.42 -3.60
CA GLU A 158 -1.84 9.55 -4.42
C GLU A 158 -1.47 10.34 -5.67
N GLY A 159 -1.06 9.65 -6.73
CA GLY A 159 -0.45 10.29 -7.88
C GLY A 159 -0.91 9.76 -9.23
N PHE A 160 -1.99 8.99 -9.22
CA PHE A 160 -2.55 8.42 -10.43
C PHE A 160 -3.38 9.42 -11.23
N TYR A 161 -3.65 9.06 -12.48
CA TYR A 161 -4.59 9.79 -13.35
C TYR A 161 -6.00 9.30 -13.12
N GLY A 162 -6.99 10.15 -13.37
CA GLY A 162 -8.36 9.74 -13.11
C GLY A 162 -8.92 10.40 -11.87
N THR A 163 -10.15 10.02 -11.52
CA THR A 163 -10.87 10.65 -10.40
C THR A 163 -10.10 10.62 -9.06
N PRO A 164 -9.66 11.80 -8.55
CA PRO A 164 -8.95 11.83 -7.29
C PRO A 164 -9.81 11.28 -6.14
N TRP A 165 -9.17 10.71 -5.12
CA TRP A 165 -9.86 10.26 -3.91
C TRP A 165 -10.71 11.38 -3.33
N THR A 166 -11.84 11.06 -2.74
CA THR A 166 -12.64 12.10 -2.11
C THR A 166 -12.05 12.48 -0.75
N HIS A 167 -12.55 13.56 -0.16
CA HIS A 167 -12.16 13.93 1.21
C HIS A 167 -12.34 12.78 2.21
N GLN A 168 -13.53 12.18 2.25
CA GLN A 168 -13.75 11.06 3.15
C GLN A 168 -12.86 9.85 2.84
N ASP A 169 -12.54 9.63 1.56
CA ASP A 169 -11.61 8.56 1.20
C ASP A 169 -10.28 8.81 1.89
N ARG A 170 -9.78 10.05 1.79
CA ARG A 170 -8.47 10.40 2.33
C ARG A 170 -8.41 10.33 3.87
N LEU A 171 -9.48 10.76 4.52
CA LEU A 171 -9.60 10.74 5.97
C LEU A 171 -9.58 9.30 6.49
N ASP A 172 -10.27 8.42 5.77
CA ASP A 172 -10.30 6.99 6.08
C ASP A 172 -8.92 6.39 5.82
N GLN A 173 -8.33 6.71 4.68
CA GLN A 173 -7.03 6.21 4.33
C GLN A 173 -6.03 6.53 5.42
N ILE A 174 -5.97 7.79 5.84
CA ILE A 174 -5.03 8.24 6.87
C ILE A 174 -5.18 7.53 8.23
N LYS A 175 -6.40 7.28 8.69
CA LYS A 175 -6.62 6.44 9.89
C LYS A 175 -5.97 5.08 9.67
N PHE A 176 -6.11 4.58 8.45
CA PHE A 176 -5.63 3.26 8.05
C PHE A 176 -4.11 3.20 8.03
N TYR A 177 -3.47 4.22 7.46
CA TYR A 177 -2.02 4.30 7.52
C TYR A 177 -1.52 4.23 8.96
N GLY A 178 -2.07 5.07 9.84
CA GLY A 178 -1.66 5.10 11.25
C GLY A 178 -1.70 3.72 11.88
N GLU A 179 -2.82 3.01 11.67
CA GLU A 179 -3.04 1.70 12.28
C GLU A 179 -2.05 0.63 11.76
N ASN A 180 -1.38 0.93 10.65
CA ASN A 180 -0.47 -0.02 10.01
C ASN A 180 0.95 0.52 9.90
N LYS A 181 1.20 1.60 10.65
CA LYS A 181 2.54 2.17 10.83
C LYS A 181 3.15 2.71 9.55
N LEU A 182 2.29 3.13 8.62
CA LEU A 182 2.69 3.88 7.43
C LEU A 182 2.70 5.35 7.82
N ASN A 183 3.81 6.02 7.55
CA ASN A 183 4.03 7.40 8.01
C ASN A 183 4.03 8.46 6.94
N THR A 184 3.76 8.08 5.69
CA THR A 184 3.85 9.04 4.58
C THR A 184 2.63 9.03 3.66
N TYR A 185 2.12 10.21 3.34
CA TYR A 185 1.07 10.34 2.35
C TYR A 185 1.37 11.54 1.49
N ILE A 186 1.56 11.27 0.19
CA ILE A 186 1.90 12.31 -0.75
C ILE A 186 0.67 12.70 -1.53
N TYR A 187 0.28 13.96 -1.39
CA TYR A 187 -0.85 14.49 -2.08
C TYR A 187 -0.36 14.98 -3.45
N ALA A 188 -0.63 14.21 -4.50
CA ALA A 188 -0.18 14.57 -5.84
C ALA A 188 -1.10 14.05 -6.96
N PRO A 189 -2.43 14.15 -6.78
CA PRO A 189 -3.33 13.61 -7.81
C PRO A 189 -3.20 14.33 -9.13
N LYS A 190 -3.04 13.58 -10.20
CA LYS A 190 -2.76 14.12 -11.55
C LYS A 190 -3.88 15.00 -12.01
N ASP A 191 -5.11 14.61 -11.70
CA ASP A 191 -6.24 15.32 -12.22
C ASP A 191 -6.73 16.47 -11.37
N ASP A 192 -6.09 16.74 -10.24
CA ASP A 192 -6.42 17.91 -9.47
C ASP A 192 -5.86 19.16 -10.18
N PRO A 193 -6.76 20.02 -10.71
CA PRO A 193 -6.24 21.14 -11.52
C PRO A 193 -5.23 22.00 -10.77
N TYR A 194 -5.43 22.22 -9.47
CA TYR A 194 -4.54 23.08 -8.70
C TYR A 194 -3.22 22.42 -8.36
N HIS A 195 -3.12 21.13 -8.63
CA HIS A 195 -1.87 20.43 -8.46
C HIS A 195 -0.98 20.54 -9.71
N ARG A 196 -1.58 20.51 -10.90
CA ARG A 196 -0.85 20.36 -12.15
C ARG A 196 -1.29 21.31 -13.28
N GLU A 197 -2.41 21.01 -13.92
CA GLU A 197 -2.86 21.79 -15.08
C GLU A 197 -2.92 23.29 -14.76
N LYS A 198 -3.16 23.63 -13.50
CA LYS A 198 -3.27 25.03 -13.07
C LYS A 198 -2.52 25.29 -11.74
N TRP A 199 -1.28 24.84 -11.69
CA TRP A 199 -0.50 24.78 -10.46
C TRP A 199 -0.19 26.11 -9.81
N ARG A 200 -0.27 27.19 -10.58
CA ARG A 200 -0.02 28.55 -10.07
C ARG A 200 -1.15 29.09 -9.22
N GLU A 201 -2.36 28.55 -9.38
CA GLU A 201 -3.55 29.14 -8.74
C GLU A 201 -3.81 28.69 -7.30
N PRO A 202 -4.23 29.62 -6.42
CA PRO A 202 -4.51 29.29 -5.01
C PRO A 202 -5.70 28.36 -4.92
N TYR A 203 -5.68 27.43 -3.97
CA TYR A 203 -6.87 26.68 -3.65
C TYR A 203 -7.94 27.66 -3.15
N PRO A 204 -9.22 27.45 -3.53
CA PRO A 204 -10.30 28.29 -3.01
C PRO A 204 -10.42 28.09 -1.50
N GLU A 205 -11.16 28.96 -0.78
CA GLU A 205 -11.15 28.91 0.69
C GLU A 205 -11.71 27.60 1.24
N SER A 206 -12.70 27.06 0.54
CA SER A 206 -13.31 25.80 0.99
C SER A 206 -12.44 24.58 0.69
N GLU A 207 -11.70 24.60 -0.41
CA GLU A 207 -10.72 23.52 -0.68
C GLU A 207 -9.62 23.54 0.36
N MET A 208 -9.23 24.74 0.81
CA MET A 208 -8.25 24.91 1.86
C MET A 208 -8.78 24.42 3.21
N GLN A 209 -10.07 24.57 3.46
CA GLN A 209 -10.63 23.99 4.67
C GLN A 209 -10.65 22.46 4.68
N ARG A 210 -10.73 21.82 3.51
CA ARG A 210 -10.67 20.37 3.48
C ARG A 210 -9.20 19.95 3.69
N MET A 211 -8.25 20.78 3.24
CA MET A 211 -6.82 20.50 3.43
C MET A 211 -6.46 20.52 4.90
N GLN A 212 -6.93 21.55 5.58
CA GLN A 212 -6.70 21.69 7.00
C GLN A 212 -7.16 20.46 7.77
N GLU A 213 -8.33 19.88 7.43
CA GLU A 213 -8.85 18.68 8.11
C GLU A 213 -7.87 17.52 7.88
N LEU A 214 -7.39 17.44 6.64
CA LEU A 214 -6.44 16.42 6.17
C LEU A 214 -5.10 16.51 6.85
N ILE A 215 -4.61 17.74 7.00
CA ILE A 215 -3.36 17.98 7.73
C ILE A 215 -3.50 17.59 9.21
N ASN A 216 -4.61 18.00 9.82
CA ASN A 216 -4.86 17.67 11.21
C ASN A 216 -4.95 16.15 11.45
N ALA A 217 -5.59 15.43 10.54
CA ALA A 217 -5.80 14.01 10.72
C ALA A 217 -4.49 13.29 10.49
N SER A 218 -3.67 13.83 9.59
CA SER A 218 -2.34 13.29 9.38
C SER A 218 -1.54 13.34 10.67
N ALA A 219 -1.47 14.52 11.28
CA ALA A 219 -0.72 14.70 12.52
C ALA A 219 -1.27 13.82 13.63
N GLU A 220 -2.58 13.68 13.71
CA GLU A 220 -3.22 12.79 14.68
C GLU A 220 -2.76 11.33 14.52
N ASN A 221 -2.41 10.95 13.28
CA ASN A 221 -2.13 9.56 12.96
C ASN A 221 -0.69 9.28 12.62
N LYS A 222 0.18 10.26 12.90
CA LYS A 222 1.64 10.20 12.71
C LYS A 222 2.09 10.11 11.27
N VAL A 223 1.19 10.46 10.35
CA VAL A 223 1.46 10.47 8.92
C VAL A 223 2.09 11.81 8.55
N ASP A 224 3.23 11.78 7.85
CA ASP A 224 3.80 13.00 7.29
C ASP A 224 3.07 13.34 6.00
N PHE A 225 2.23 14.36 6.02
CA PHE A 225 1.48 14.75 4.84
C PHE A 225 2.43 15.52 3.94
N VAL A 226 2.63 15.01 2.72
CA VAL A 226 3.52 15.65 1.76
C VAL A 226 2.68 16.37 0.71
N PHE A 227 2.84 17.68 0.63
CA PHE A 227 2.14 18.45 -0.41
C PHE A 227 2.93 18.46 -1.72
N GLY A 228 2.43 17.73 -2.71
CA GLY A 228 3.06 17.68 -4.03
C GLY A 228 2.59 18.81 -4.92
N ILE A 229 3.45 19.16 -5.87
CA ILE A 229 3.06 20.03 -6.96
C ILE A 229 3.84 19.65 -8.23
N SER A 230 3.15 19.62 -9.37
CA SER A 230 3.74 19.30 -10.68
C SER A 230 3.67 20.53 -11.62
N PRO A 231 4.69 21.41 -11.57
CA PRO A 231 4.68 22.62 -12.40
C PRO A 231 5.26 22.42 -13.83
N GLY A 232 5.67 21.18 -14.13
CA GLY A 232 6.37 20.88 -15.38
C GLY A 232 5.70 21.29 -16.68
N ILE A 233 4.37 21.21 -16.73
CA ILE A 233 3.59 21.58 -17.92
C ILE A 233 4.04 22.88 -18.62
N ASP A 234 4.34 23.93 -17.86
CA ASP A 234 4.50 25.26 -18.43
C ASP A 234 5.30 26.26 -17.59
N ILE A 235 5.93 25.79 -16.51
CA ILE A 235 6.77 26.62 -15.66
C ILE A 235 7.84 27.26 -16.55
N ARG A 236 8.04 28.56 -16.39
CA ARG A 236 9.11 29.32 -17.06
C ARG A 236 10.33 29.39 -16.12
N PHE A 237 11.54 29.18 -16.64
CA PHE A 237 12.76 29.03 -15.83
C PHE A 237 13.69 30.24 -15.72
N ASP A 238 13.62 31.19 -16.66
CA ASP A 238 14.66 32.25 -16.78
C ASP A 238 14.10 33.68 -16.68
N GLY A 239 14.95 34.65 -16.36
CA GLY A 239 14.54 36.06 -16.27
C GLY A 239 13.41 36.36 -15.32
N ASP A 240 12.69 37.44 -15.59
CA ASP A 240 11.56 37.86 -14.77
C ASP A 240 10.41 36.82 -14.73
N ALA A 241 10.25 36.03 -15.78
CA ALA A 241 9.20 35.01 -15.81
C ALA A 241 9.54 33.85 -14.88
N GLY A 242 10.82 33.48 -14.87
CA GLY A 242 11.34 32.45 -13.99
C GLY A 242 11.21 32.83 -12.53
N GLU A 243 11.41 34.12 -12.23
CA GLU A 243 11.23 34.64 -10.88
C GLU A 243 9.78 34.51 -10.51
N GLU A 244 8.91 35.10 -11.34
CA GLU A 244 7.48 35.09 -11.09
C GLU A 244 6.95 33.68 -10.85
N ASP A 245 7.37 32.73 -11.70
CA ASP A 245 6.95 31.34 -11.58
C ASP A 245 7.57 30.63 -10.40
N PHE A 246 8.77 31.04 -10.00
CA PHE A 246 9.35 30.50 -8.78
C PHE A 246 8.58 31.04 -7.55
N ASN A 247 8.31 32.34 -7.50
CA ASN A 247 7.52 32.90 -6.43
C ASN A 247 6.15 32.24 -6.29
N HIS A 248 5.72 31.57 -7.35
CA HIS A 248 4.42 30.92 -7.37
C HIS A 248 4.49 29.62 -6.59
N LEU A 249 5.55 28.85 -6.81
CA LEU A 249 5.84 27.69 -6.01
C LEU A 249 5.87 28.08 -4.54
N ILE A 250 6.58 29.17 -4.23
CA ILE A 250 6.76 29.58 -2.86
C ILE A 250 5.45 29.95 -2.19
N THR A 251 4.60 30.67 -2.90
CA THR A 251 3.35 31.15 -2.32
C THR A 251 2.44 29.96 -2.00
N LYS A 252 2.47 28.98 -2.90
CA LYS A 252 1.62 27.83 -2.79
C LYS A 252 2.10 26.98 -1.62
N ALA A 253 3.37 26.56 -1.64
CA ALA A 253 3.99 25.81 -0.56
C ALA A 253 3.82 26.53 0.78
N GLU A 254 3.97 27.86 0.76
CA GLU A 254 3.83 28.66 1.97
C GLU A 254 2.42 28.61 2.51
N SER A 255 1.42 28.63 1.64
CA SER A 255 0.04 28.61 2.13
C SER A 255 -0.35 27.23 2.74
N LEU A 256 0.37 26.18 2.34
CA LEU A 256 0.19 24.87 2.98
C LEU A 256 1.08 24.71 4.19
N TYR A 257 2.22 25.37 4.17
CA TYR A 257 3.06 25.47 5.34
C TYR A 257 2.28 26.14 6.48
N ASP A 258 1.54 27.20 6.14
CA ASP A 258 0.80 28.00 7.09
C ASP A 258 -0.38 27.25 7.71
N MET A 259 -0.71 26.08 7.19
CA MET A 259 -1.76 25.24 7.80
C MET A 259 -1.19 24.04 8.55
N GLY A 260 0.14 23.94 8.54
CA GLY A 260 0.86 22.89 9.25
C GLY A 260 1.64 21.85 8.46
N VAL A 261 1.64 21.94 7.11
CA VAL A 261 2.35 20.97 6.28
C VAL A 261 3.84 21.13 6.47
N ARG A 262 4.56 20.01 6.58
CA ARG A 262 5.99 20.09 6.81
C ARG A 262 6.82 19.20 5.89
N SER A 263 6.17 18.65 4.85
CA SER A 263 6.84 17.90 3.77
C SER A 263 6.31 18.39 2.45
N PHE A 264 7.20 18.47 1.45
CA PHE A 264 6.85 18.97 0.13
C PHE A 264 7.48 18.13 -0.97
N ALA A 265 6.81 18.07 -2.11
CA ALA A 265 7.30 17.36 -3.29
C ALA A 265 7.10 18.25 -4.50
N ILE A 266 8.07 18.25 -5.40
CA ILE A 266 7.97 18.95 -6.70
C ILE A 266 8.28 17.94 -7.81
N TYR A 267 7.27 17.66 -8.62
CA TYR A 267 7.34 16.57 -9.57
C TYR A 267 7.43 17.03 -11.00
N TRP A 268 8.15 16.22 -11.78
CA TRP A 268 8.54 16.53 -13.15
C TRP A 268 8.22 15.40 -14.12
N ASP A 269 7.46 14.40 -13.69
CA ASP A 269 7.10 13.29 -14.58
C ASP A 269 6.04 13.64 -15.67
N ASN A 270 6.11 12.92 -16.78
CA ASN A 270 5.14 13.05 -17.88
C ASN A 270 4.96 14.50 -18.33
N ILE A 271 6.04 15.11 -18.80
CA ILE A 271 6.01 16.46 -19.31
C ILE A 271 6.91 16.47 -20.52
N GLN A 272 6.73 17.49 -21.35
CA GLN A 272 7.45 17.60 -22.61
C GLN A 272 8.83 18.21 -22.43
N ASP A 273 8.91 19.25 -21.59
CA ASP A 273 10.18 19.95 -21.31
C ASP A 273 11.16 19.04 -20.59
N LYS A 274 12.33 18.86 -21.19
CA LYS A 274 13.37 18.06 -20.55
C LYS A 274 14.64 18.89 -20.22
N SER A 275 14.44 20.07 -19.65
CA SER A 275 15.55 20.90 -19.19
C SER A 275 16.11 20.45 -17.81
N ALA A 276 16.93 19.40 -17.81
CA ALA A 276 17.46 18.78 -16.57
C ALA A 276 18.09 19.75 -15.58
N ALA A 277 18.99 20.60 -16.06
CA ALA A 277 19.63 21.55 -15.18
C ALA A 277 18.58 22.49 -14.61
N LYS A 278 17.67 23.01 -15.44
CA LYS A 278 16.62 23.92 -14.95
C LYS A 278 15.74 23.28 -13.87
N HIS A 279 15.26 22.07 -14.15
CA HIS A 279 14.53 21.23 -13.18
C HIS A 279 15.27 21.16 -11.85
N ALA A 280 16.48 20.60 -11.83
CA ALA A 280 17.28 20.55 -10.59
C ALA A 280 17.57 21.91 -9.99
N GLN A 281 17.76 22.93 -10.81
CA GLN A 281 18.05 24.28 -10.28
C GLN A 281 16.83 24.79 -9.49
N VAL A 282 15.62 24.52 -9.98
CA VAL A 282 14.41 24.90 -9.28
C VAL A 282 14.29 24.17 -7.93
N LEU A 283 14.58 22.87 -7.94
CA LEU A 283 14.67 22.08 -6.71
C LEU A 283 15.68 22.63 -5.69
N ASN A 284 16.91 22.91 -6.14
CA ASN A 284 17.93 23.43 -5.24
C ASN A 284 17.56 24.78 -4.64
N ARG A 285 16.97 25.64 -5.48
CA ARG A 285 16.58 26.96 -5.04
C ARG A 285 15.53 26.84 -3.93
N PHE A 286 14.48 26.07 -4.21
CA PHE A 286 13.39 25.82 -3.28
C PHE A 286 13.88 25.20 -1.96
N ASN A 287 14.80 24.25 -2.08
CA ASN A 287 15.46 23.62 -0.95
C ASN A 287 16.18 24.65 -0.05
N GLU A 288 16.83 25.65 -0.66
CA GLU A 288 17.57 26.66 0.10
C GLU A 288 16.64 27.72 0.67
N GLU A 289 15.70 28.19 -0.16
CA GLU A 289 14.90 29.36 0.19
C GLU A 289 13.65 29.02 0.98
N PHE A 290 13.30 27.73 1.02
CA PHE A 290 12.11 27.27 1.72
C PHE A 290 12.43 26.18 2.72
N VAL A 291 12.90 25.05 2.23
CA VAL A 291 13.03 23.88 3.06
C VAL A 291 14.01 24.11 4.19
N LYS A 292 15.22 24.54 3.86
CA LYS A 292 16.23 24.78 4.89
C LYS A 292 15.94 26.02 5.72
N ALA A 293 15.44 27.07 5.08
CA ALA A 293 15.15 28.34 5.76
C ALA A 293 14.13 28.16 6.86
N LYS A 294 13.09 27.36 6.60
CA LYS A 294 12.02 27.09 7.57
C LYS A 294 12.51 26.25 8.76
N GLY A 295 13.39 25.30 8.47
CA GLY A 295 14.15 24.59 9.50
C GLY A 295 13.44 23.48 10.26
N ASP A 296 12.11 23.44 10.15
CA ASP A 296 11.30 22.31 10.64
C ASP A 296 10.60 21.58 9.47
N VAL A 297 11.20 21.67 8.28
CA VAL A 297 10.66 21.07 7.08
C VAL A 297 11.53 19.88 6.67
N LYS A 298 10.88 18.76 6.37
CA LYS A 298 11.55 17.51 6.00
C LYS A 298 12.20 17.62 4.63
N PRO A 299 13.12 16.68 4.29
CA PRO A 299 13.79 16.80 2.99
C PRO A 299 12.82 16.85 1.76
N LEU A 300 13.14 17.73 0.81
CA LEU A 300 12.34 17.90 -0.41
C LEU A 300 12.28 16.62 -1.22
N ILE A 301 11.14 16.37 -1.84
CA ILE A 301 10.95 15.13 -2.60
C ILE A 301 10.74 15.52 -4.04
N THR A 302 11.24 14.68 -4.94
CA THR A 302 11.08 14.91 -6.37
C THR A 302 11.01 13.62 -7.19
N VAL A 303 10.45 13.74 -8.39
CA VAL A 303 10.57 12.70 -9.44
C VAL A 303 11.03 13.39 -10.74
N PRO A 304 12.11 12.85 -11.35
CA PRO A 304 12.64 13.46 -12.59
C PRO A 304 11.75 13.11 -13.78
N THR A 305 11.89 13.86 -14.88
CA THR A 305 11.19 13.52 -16.10
C THR A 305 11.57 12.13 -16.62
N GLU A 306 12.79 11.69 -16.34
CA GLU A 306 13.16 10.28 -16.55
C GLU A 306 13.24 9.56 -15.22
N TYR A 307 12.37 8.55 -15.03
CA TYR A 307 12.11 8.02 -13.69
C TYR A 307 12.00 6.49 -13.61
N ASP A 308 12.16 5.80 -14.73
CA ASP A 308 12.27 4.35 -14.69
C ASP A 308 13.60 4.03 -15.31
N THR A 309 14.21 2.91 -14.92
CA THR A 309 15.56 2.60 -15.37
C THR A 309 15.66 2.57 -16.90
N GLY A 310 14.67 1.98 -17.56
CA GLY A 310 14.58 1.99 -19.03
C GLY A 310 14.78 3.38 -19.61
N ALA A 311 14.15 4.39 -19.00
CA ALA A 311 14.18 5.76 -19.54
C ALA A 311 15.31 6.59 -18.98
N MET A 312 16.09 6.00 -18.09
CA MET A 312 17.10 6.75 -17.35
C MET A 312 18.48 6.35 -17.85
N VAL A 313 18.62 5.08 -18.19
CA VAL A 313 19.92 4.49 -18.43
C VAL A 313 19.96 3.85 -19.81
N SER A 314 21.12 3.99 -20.46
CA SER A 314 21.40 3.38 -21.76
C SER A 314 22.72 2.61 -21.75
N ASN A 315 22.65 1.30 -21.99
CA ASN A 315 23.83 0.43 -21.96
C ASN A 315 24.74 0.71 -20.74
N GLY A 316 24.17 0.57 -19.53
CA GLY A 316 24.90 0.76 -18.25
C GLY A 316 25.17 2.21 -17.82
N GLN A 317 24.88 3.17 -18.71
CA GLN A 317 25.27 4.57 -18.51
C GLN A 317 24.07 5.51 -18.55
N PRO A 318 24.05 6.54 -17.67
CA PRO A 318 22.88 7.44 -17.66
C PRO A 318 22.70 8.16 -18.97
N ARG A 319 21.45 8.34 -19.40
CA ARG A 319 21.12 9.20 -20.53
C ARG A 319 21.42 10.65 -20.17
N ALA A 320 21.28 11.54 -21.13
CA ALA A 320 21.65 12.93 -20.95
C ALA A 320 20.89 13.61 -19.81
N TYR A 321 19.55 13.54 -19.84
CA TYR A 321 18.71 14.16 -18.81
C TYR A 321 19.07 13.65 -17.41
N THR A 322 19.07 12.33 -17.25
CA THR A 322 19.38 11.76 -15.97
C THR A 322 20.76 12.25 -15.50
N ARG A 323 21.79 12.10 -16.33
CA ARG A 323 23.14 12.46 -15.89
C ARG A 323 23.25 13.92 -15.44
N ILE A 324 22.67 14.84 -16.20
CA ILE A 324 22.74 16.25 -15.81
C ILE A 324 21.92 16.52 -14.55
N PHE A 325 20.76 15.85 -14.43
CA PHE A 325 19.88 16.00 -13.29
C PHE A 325 20.57 15.51 -12.00
N ALA A 326 21.13 14.30 -12.05
CA ALA A 326 21.88 13.72 -10.93
C ALA A 326 23.12 14.56 -10.54
N GLU A 327 23.73 15.23 -11.50
CA GLU A 327 24.91 16.08 -11.28
C GLU A 327 24.52 17.27 -10.40
N THR A 328 23.43 17.93 -10.77
CA THR A 328 23.04 19.21 -10.19
C THR A 328 22.23 19.10 -8.90
N VAL A 329 21.41 18.05 -8.76
CA VAL A 329 20.39 18.02 -7.71
C VAL A 329 21.04 17.84 -6.33
N ASP A 330 20.68 18.72 -5.38
CA ASP A 330 21.31 18.70 -4.04
C ASP A 330 21.23 17.29 -3.47
N PRO A 331 22.30 16.83 -2.77
CA PRO A 331 22.25 15.51 -2.15
C PRO A 331 21.18 15.35 -1.06
N SER A 332 20.69 16.44 -0.47
CA SER A 332 19.68 16.33 0.58
C SER A 332 18.29 15.88 0.08
N ILE A 333 17.99 16.14 -1.21
CA ILE A 333 16.69 15.88 -1.83
C ILE A 333 16.45 14.40 -2.07
N GLU A 334 15.22 13.96 -1.84
CA GLU A 334 14.84 12.58 -2.14
C GLU A 334 14.47 12.48 -3.60
N VAL A 335 15.04 11.51 -4.31
CA VAL A 335 14.72 11.34 -5.73
C VAL A 335 14.00 10.03 -5.86
N MET A 336 12.87 10.08 -6.56
CA MET A 336 12.01 8.92 -6.73
C MET A 336 12.23 8.29 -8.11
N TRP A 337 12.13 6.96 -8.14
CA TRP A 337 12.13 6.19 -9.38
C TRP A 337 11.23 4.97 -9.24
N THR A 338 10.67 4.53 -10.36
CA THR A 338 9.66 3.46 -10.35
C THR A 338 10.21 2.03 -10.46
N GLY A 339 11.54 1.91 -10.65
CA GLY A 339 12.19 0.62 -10.91
C GLY A 339 12.60 0.49 -12.39
N PRO A 340 12.79 -0.75 -12.88
CA PRO A 340 13.23 -1.08 -14.26
C PRO A 340 12.30 -0.62 -15.40
N GLY A 341 11.01 -0.53 -15.09
CA GLY A 341 10.03 0.07 -15.99
C GLY A 341 9.09 0.89 -15.15
N VAL A 342 8.16 1.58 -15.81
CA VAL A 342 7.09 2.32 -15.14
C VAL A 342 6.23 1.42 -14.25
N VAL A 343 5.68 0.35 -14.84
CA VAL A 343 4.94 -0.69 -14.15
C VAL A 343 5.64 -1.97 -14.58
N THR A 344 6.18 -2.72 -13.63
CA THR A 344 7.27 -3.65 -13.95
C THR A 344 7.24 -4.82 -12.96
N ASN A 345 7.66 -6.00 -13.40
CA ASN A 345 7.58 -7.23 -12.58
C ASN A 345 8.36 -7.17 -11.26
N GLU A 346 9.52 -6.51 -11.31
CA GLU A 346 10.50 -6.57 -10.21
C GLU A 346 11.27 -5.28 -10.04
N ILE A 347 11.82 -5.09 -8.84
CA ILE A 347 13.04 -4.32 -8.64
C ILE A 347 14.01 -5.28 -7.97
N PRO A 348 14.93 -5.86 -8.76
CA PRO A 348 15.97 -6.64 -8.12
C PRO A 348 17.01 -5.69 -7.50
N LEU A 349 17.73 -6.20 -6.51
CA LEU A 349 18.80 -5.45 -5.83
C LEU A 349 19.67 -4.71 -6.83
N SER A 350 20.13 -5.41 -7.86
CA SER A 350 21.03 -4.83 -8.86
C SER A 350 20.48 -3.59 -9.57
N ASP A 351 19.15 -3.50 -9.73
CA ASP A 351 18.53 -2.28 -10.31
C ASP A 351 18.59 -1.10 -9.35
N ALA A 352 18.35 -1.38 -8.07
CA ALA A 352 18.51 -0.39 -7.02
C ALA A 352 19.95 0.11 -7.01
N GLN A 353 20.89 -0.82 -7.04
CA GLN A 353 22.32 -0.51 -6.96
C GLN A 353 22.79 0.41 -8.07
N LEU A 354 22.29 0.14 -9.27
CA LEU A 354 22.62 0.91 -10.46
C LEU A 354 22.13 2.37 -10.35
N ILE A 355 20.88 2.55 -9.90
CA ILE A 355 20.24 3.88 -9.85
C ILE A 355 20.79 4.70 -8.69
N SER A 356 20.83 4.12 -7.51
CA SER A 356 21.50 4.70 -6.36
C SER A 356 22.91 5.19 -6.70
N GLY A 357 23.61 4.39 -7.53
CA GLY A 357 24.96 4.70 -8.00
C GLY A 357 25.03 5.98 -8.83
N ILE A 358 24.15 6.10 -9.81
CA ILE A 358 24.04 7.33 -10.59
C ILE A 358 23.78 8.54 -9.67
N TYR A 359 22.95 8.33 -8.65
CA TYR A 359 22.57 9.42 -7.74
C TYR A 359 23.45 9.63 -6.48
N ASP A 360 24.51 8.81 -6.29
CA ASP A 360 25.34 8.87 -5.04
C ASP A 360 24.42 9.12 -3.81
N ARG A 361 23.30 8.38 -3.74
CA ARG A 361 22.34 8.47 -2.61
C ARG A 361 21.42 7.26 -2.49
N ASN A 362 20.77 7.17 -1.33
CA ASN A 362 19.62 6.30 -1.12
C ASN A 362 18.40 6.87 -1.83
N MET A 363 17.76 6.00 -2.61
CA MET A 363 16.66 6.35 -3.48
C MET A 363 15.31 6.23 -2.76
N ALA A 364 14.29 6.84 -3.38
CA ALA A 364 12.92 6.56 -3.05
C ALA A 364 12.24 5.78 -4.20
N VAL A 365 11.46 4.76 -3.86
CA VAL A 365 10.69 4.01 -4.83
C VAL A 365 9.32 4.62 -4.93
N TRP A 366 8.87 4.89 -6.14
CA TRP A 366 7.46 5.17 -6.40
C TRP A 366 6.92 3.91 -7.07
N TRP A 367 6.45 2.97 -6.27
CA TRP A 367 5.96 1.68 -6.78
C TRP A 367 4.54 1.81 -7.37
N ASN A 368 4.42 1.62 -8.69
CA ASN A 368 3.15 1.77 -9.44
C ASN A 368 2.35 0.47 -9.45
N TYR A 369 1.93 0.08 -8.26
CA TYR A 369 1.05 -1.01 -8.02
C TYR A 369 0.52 -0.71 -6.62
N PRO A 370 -0.81 -0.74 -6.41
CA PRO A 370 -1.88 -1.24 -7.26
C PRO A 370 -2.51 -0.29 -8.26
N VAL A 371 -1.91 0.86 -8.56
CA VAL A 371 -2.55 1.80 -9.48
C VAL A 371 -3.09 1.06 -10.73
N THR A 372 -4.28 1.44 -11.22
CA THR A 372 -4.82 0.82 -12.43
C THR A 372 -5.29 1.82 -13.49
N ASP A 373 -4.74 3.03 -13.49
CA ASP A 373 -5.25 4.08 -14.37
C ASP A 373 -4.98 3.83 -15.84
N TYR A 374 -4.04 2.92 -16.11
CA TYR A 374 -3.56 2.53 -17.46
C TYR A 374 -4.30 1.30 -18.02
N PHE A 375 -5.18 0.72 -17.21
CA PHE A 375 -5.91 -0.51 -17.50
C PHE A 375 -7.04 -0.66 -16.45
N LYS A 376 -8.09 0.12 -16.66
CA LYS A 376 -9.06 0.44 -15.63
C LYS A 376 -10.14 -0.60 -15.44
N GLY A 377 -10.17 -1.66 -16.22
CA GLY A 377 -11.20 -2.66 -16.02
C GLY A 377 -10.84 -3.66 -14.95
N LYS A 378 -9.57 -3.72 -14.58
CA LYS A 378 -9.15 -4.73 -13.65
C LYS A 378 -8.75 -4.11 -12.33
N LEU A 379 -9.08 -4.81 -11.24
CA LEU A 379 -8.61 -4.49 -9.91
C LEU A 379 -7.24 -5.14 -9.59
N ALA A 380 -6.30 -4.34 -9.06
CA ALA A 380 -5.03 -4.89 -8.60
C ALA A 380 -5.18 -5.16 -7.10
N LEU A 381 -5.29 -6.44 -6.74
CA LEU A 381 -5.71 -6.86 -5.42
C LEU A 381 -4.75 -7.89 -4.83
N GLY A 382 -3.51 -7.89 -5.34
CA GLY A 382 -2.44 -8.74 -4.80
C GLY A 382 -1.46 -8.03 -3.87
N PRO A 383 -0.50 -8.81 -3.32
CA PRO A 383 0.50 -8.31 -2.40
C PRO A 383 1.60 -7.57 -3.14
N MET A 384 2.45 -6.83 -2.41
CA MET A 384 3.74 -6.38 -2.92
C MET A 384 4.47 -7.61 -3.44
N HIS A 385 5.02 -7.53 -4.64
CA HIS A 385 5.59 -8.70 -5.32
C HIS A 385 6.70 -8.30 -6.30
N GLY A 386 7.80 -9.03 -6.26
CA GLY A 386 8.93 -8.76 -7.14
C GLY A 386 9.87 -7.71 -6.60
N LEU A 387 9.64 -7.26 -5.37
CA LEU A 387 10.51 -6.28 -4.73
C LEU A 387 11.54 -7.00 -3.88
N ASP A 388 12.82 -6.75 -4.18
CA ASP A 388 13.90 -7.43 -3.46
C ASP A 388 13.86 -7.20 -1.95
N LYS A 389 14.16 -8.25 -1.19
CA LYS A 389 14.06 -8.14 0.27
C LYS A 389 15.28 -7.50 0.93
N GLY A 390 16.32 -7.26 0.14
CA GLY A 390 17.47 -6.52 0.61
C GLY A 390 17.46 -5.11 0.06
N LEU A 391 16.31 -4.67 -0.44
CA LEU A 391 16.21 -3.37 -1.12
C LEU A 391 16.58 -2.20 -0.23
N ASN A 392 16.40 -2.37 1.08
CA ASN A 392 16.74 -1.31 2.05
C ASN A 392 18.21 -0.84 2.03
N GLN A 393 19.08 -1.59 1.34
CA GLN A 393 20.48 -1.22 1.19
C GLN A 393 20.62 0.05 0.33
N TYR A 394 19.73 0.23 -0.65
CA TYR A 394 19.81 1.40 -1.54
C TYR A 394 18.57 2.29 -1.52
N VAL A 395 17.54 1.87 -0.78
CA VAL A 395 16.26 2.60 -0.69
C VAL A 395 15.96 2.94 0.78
N ASP A 396 15.61 4.20 1.06
CA ASP A 396 15.21 4.59 2.40
C ASP A 396 13.81 5.25 2.49
N PHE A 397 13.07 5.18 1.40
CA PHE A 397 11.83 5.89 1.22
C PHE A 397 11.01 5.03 0.26
N PHE A 398 9.88 4.50 0.71
CA PHE A 398 9.10 3.60 -0.11
C PHE A 398 7.60 3.96 -0.10
N THR A 399 7.05 4.25 -1.27
CA THR A 399 5.62 4.57 -1.38
C THR A 399 5.00 3.88 -2.55
N VAL A 400 3.72 3.49 -2.44
CA VAL A 400 3.00 2.88 -3.54
C VAL A 400 1.97 3.84 -4.12
N ASN A 401 1.68 3.68 -5.40
CA ASN A 401 0.68 4.48 -6.08
C ASN A 401 -0.57 3.60 -6.18
N PRO A 402 -1.64 3.97 -5.46
CA PRO A 402 -2.84 3.15 -5.28
C PRO A 402 -3.85 3.30 -6.42
N MET A 403 -4.95 2.55 -6.39
CA MET A 403 -5.98 2.66 -7.42
C MET A 403 -6.87 3.83 -7.13
N GLU A 404 -7.57 4.31 -8.15
CA GLU A 404 -8.58 5.34 -7.89
C GLU A 404 -9.65 4.85 -6.90
N HIS A 405 -9.62 3.53 -6.59
CA HIS A 405 -10.52 2.81 -5.64
C HIS A 405 -9.91 2.65 -4.26
N ALA A 406 -10.23 3.58 -3.37
CA ALA A 406 -9.54 3.68 -2.11
C ALA A 406 -9.75 2.47 -1.27
N GLU A 407 -10.95 1.90 -1.33
CA GLU A 407 -11.25 0.81 -0.41
C GLU A 407 -10.51 -0.49 -0.72
N LEU A 408 -10.49 -0.88 -1.99
CA LEU A 408 -9.85 -2.10 -2.36
C LEU A 408 -8.32 -1.96 -2.51
N SER A 409 -7.85 -0.72 -2.67
CA SER A 409 -6.42 -0.43 -2.53
C SER A 409 -5.91 -0.91 -1.16
N LYS A 410 -6.77 -0.97 -0.16
CA LYS A 410 -6.31 -1.33 1.17
C LYS A 410 -5.62 -2.69 1.24
N ILE A 411 -6.07 -3.66 0.44
CA ILE A 411 -5.47 -5.00 0.46
C ILE A 411 -3.98 -4.94 0.13
N SER A 412 -3.66 -4.31 -0.99
CA SER A 412 -2.31 -4.19 -1.47
C SER A 412 -1.39 -3.39 -0.51
N ILE A 413 -1.92 -2.26 -0.04
CA ILE A 413 -1.24 -1.32 0.85
C ILE A 413 -0.94 -1.99 2.19
N HIS A 414 -1.89 -2.78 2.66
CA HIS A 414 -1.69 -3.59 3.86
C HIS A 414 -0.38 -4.37 3.80
N THR A 415 -0.09 -4.96 2.63
CA THR A 415 1.14 -5.76 2.43
C THR A 415 2.35 -4.84 2.27
N ALA A 416 2.11 -3.63 1.74
CA ALA A 416 3.13 -2.59 1.71
C ALA A 416 3.59 -2.26 3.12
N ALA A 417 2.66 -2.17 4.07
CA ALA A 417 3.02 -1.85 5.44
C ALA A 417 3.99 -2.90 5.96
N ASP A 418 3.76 -4.15 5.58
CA ASP A 418 4.55 -5.25 6.09
C ASP A 418 5.91 -5.32 5.42
N TYR A 419 5.94 -5.03 4.11
CA TYR A 419 7.17 -5.15 3.35
C TYR A 419 8.17 -4.09 3.81
N SER A 420 7.71 -2.85 4.00
CA SER A 420 8.60 -1.73 4.31
C SER A 420 8.98 -1.61 5.79
N TRP A 421 8.13 -2.15 6.65
CA TRP A 421 8.46 -2.20 8.05
C TRP A 421 9.42 -3.34 8.36
N ASN A 422 9.07 -4.56 7.98
CA ASN A 422 9.90 -5.72 8.30
C ASN A 422 10.24 -6.44 7.01
N MET A 423 11.26 -5.93 6.33
CA MET A 423 11.53 -6.33 4.95
C MET A 423 12.07 -7.73 4.76
N ASP A 424 13.10 -8.11 5.50
CA ASP A 424 13.75 -9.42 5.30
C ASP A 424 12.84 -10.58 5.71
N ASN A 425 11.88 -10.30 6.58
CA ASN A 425 10.90 -11.28 6.97
C ASN A 425 9.67 -11.39 6.02
N TYR A 426 9.53 -10.46 5.08
CA TYR A 426 8.34 -10.37 4.24
C TYR A 426 8.08 -11.62 3.36
N ASP A 427 6.89 -12.19 3.50
CA ASP A 427 6.45 -13.36 2.75
C ASP A 427 5.16 -12.99 2.06
N TYR A 428 5.22 -12.72 0.74
CA TYR A 428 4.07 -12.14 -0.01
C TYR A 428 2.75 -12.90 0.13
N ASP A 429 2.80 -14.23 0.07
CA ASP A 429 1.60 -15.03 0.21
C ASP A 429 1.04 -14.98 1.62
N LYS A 430 1.90 -15.04 2.66
CA LYS A 430 1.43 -14.94 4.04
C LYS A 430 0.84 -13.57 4.31
N ALA A 431 1.50 -12.54 3.81
CA ALA A 431 1.08 -11.13 3.97
C ALA A 431 -0.20 -10.85 3.22
N TRP A 432 -0.40 -11.56 2.13
CA TRP A 432 -1.62 -11.42 1.33
C TRP A 432 -2.81 -12.02 2.07
N ASN A 433 -2.60 -13.18 2.67
CA ASN A 433 -3.66 -13.86 3.42
C ASN A 433 -3.99 -13.11 4.69
N ARG A 434 -3.00 -12.40 5.22
CA ARG A 434 -3.17 -11.66 6.44
C ARG A 434 -4.00 -10.44 6.16
N ALA A 435 -3.64 -9.69 5.11
CA ALA A 435 -4.36 -8.51 4.69
C ALA A 435 -5.85 -8.80 4.64
N ILE A 436 -6.22 -9.84 3.90
CA ILE A 436 -7.62 -10.15 3.67
C ILE A 436 -8.27 -10.68 4.93
N ASP A 437 -7.53 -11.46 5.73
CA ASP A 437 -8.00 -11.92 7.03
C ASP A 437 -8.33 -10.78 7.95
N MET A 438 -7.48 -9.76 7.96
CA MET A 438 -7.63 -8.63 8.86
C MET A 438 -8.72 -7.65 8.40
N LEU A 439 -8.77 -7.39 7.11
CA LEU A 439 -9.75 -6.49 6.48
C LEU A 439 -11.18 -7.03 6.27
N TYR A 440 -11.35 -8.33 6.00
CA TYR A 440 -12.67 -8.86 5.60
C TYR A 440 -13.41 -9.70 6.61
N GLY A 441 -12.74 -10.14 7.68
CA GLY A 441 -13.40 -10.84 8.79
C GLY A 441 -14.10 -12.14 8.40
N ASP A 442 -15.43 -12.18 8.61
CA ASP A 442 -16.28 -13.33 8.26
C ASP A 442 -16.20 -13.69 6.77
N LEU A 443 -15.89 -12.70 5.93
CA LEU A 443 -15.93 -12.85 4.46
C LEU A 443 -14.57 -13.09 3.82
N ALA A 444 -13.53 -13.26 4.64
CA ALA A 444 -12.17 -13.31 4.16
C ALA A 444 -11.89 -14.49 3.23
N GLU A 445 -12.44 -15.66 3.59
CA GLU A 445 -12.24 -16.86 2.79
C GLU A 445 -12.76 -16.64 1.37
N ASP A 446 -13.99 -16.16 1.25
CA ASP A 446 -14.57 -15.87 -0.06
C ASP A 446 -13.87 -14.74 -0.78
N MET A 447 -13.48 -13.71 -0.04
CA MET A 447 -12.77 -12.61 -0.62
C MET A 447 -11.45 -13.10 -1.20
N LYS A 448 -10.77 -14.03 -0.53
CA LYS A 448 -9.55 -14.58 -1.08
C LYS A 448 -9.81 -15.28 -2.41
N VAL A 449 -10.86 -16.10 -2.46
CA VAL A 449 -11.20 -16.81 -3.69
C VAL A 449 -11.30 -15.85 -4.88
N PHE A 450 -11.99 -14.72 -4.69
CA PHE A 450 -12.21 -13.73 -5.75
C PHE A 450 -10.91 -12.95 -6.06
N ALA A 451 -10.42 -12.23 -5.05
CA ALA A 451 -9.14 -11.51 -5.10
C ALA A 451 -8.00 -12.32 -5.73
N ASN A 452 -7.94 -13.61 -5.44
CA ASN A 452 -6.91 -14.50 -5.98
C ASN A 452 -6.78 -14.45 -7.50
N HIS A 453 -7.90 -14.12 -8.17
CA HIS A 453 -8.00 -14.05 -9.64
C HIS A 453 -7.72 -12.67 -10.19
N SER A 454 -7.32 -11.76 -9.32
CA SER A 454 -7.24 -10.36 -9.70
C SER A 454 -5.99 -9.68 -9.15
N THR A 455 -4.84 -10.34 -9.35
CA THR A 455 -3.59 -9.88 -8.79
C THR A 455 -2.59 -9.46 -9.88
N ARG A 456 -2.71 -10.03 -11.07
CA ARG A 456 -1.78 -9.72 -12.16
C ARG A 456 -2.24 -8.58 -13.05
N MET A 457 -1.38 -7.58 -13.26
CA MET A 457 -1.72 -6.50 -14.18
C MET A 457 -0.85 -6.57 -15.41
N ASP A 458 -1.49 -6.55 -16.58
CA ASP A 458 -0.81 -6.72 -17.84
C ASP A 458 -1.63 -5.99 -18.92
N ASN A 459 -1.07 -4.91 -19.47
CA ASN A 459 -1.72 -4.25 -20.61
C ASN A 459 -1.25 -4.74 -21.99
N LYS A 460 -0.38 -5.75 -22.00
CA LYS A 460 0.12 -6.37 -23.26
C LYS A 460 1.27 -5.60 -23.92
N THR A 461 1.50 -4.36 -23.48
CA THR A 461 2.66 -3.57 -23.94
C THR A 461 3.60 -3.18 -22.79
N TRP A 462 3.51 -1.92 -22.36
CA TRP A 462 4.50 -1.35 -21.44
C TRP A 462 4.30 -1.60 -19.93
N ALA A 463 3.10 -2.05 -19.53
CA ALA A 463 2.76 -2.18 -18.10
C ALA A 463 2.49 -3.60 -17.70
N LYS A 464 3.41 -4.21 -16.97
CA LYS A 464 3.23 -5.59 -16.47
C LYS A 464 3.76 -5.66 -15.05
N SER A 465 2.89 -5.96 -14.08
CA SER A 465 3.38 -6.18 -12.72
C SER A 465 2.38 -6.98 -11.89
N GLY A 466 2.92 -7.60 -10.83
CA GLY A 466 2.10 -8.26 -9.84
C GLY A 466 2.15 -9.76 -9.91
N ARG A 467 1.83 -10.39 -8.78
CA ARG A 467 1.78 -11.84 -8.67
C ARG A 467 0.82 -12.43 -9.68
N GLU A 468 1.18 -13.56 -10.28
CA GLU A 468 0.37 -14.15 -11.33
C GLU A 468 -1.00 -14.51 -10.73
N ASP A 469 -2.04 -14.42 -11.57
CA ASP A 469 -3.41 -14.75 -11.16
C ASP A 469 -3.52 -16.21 -10.76
N ALA A 470 -4.34 -16.50 -9.76
CA ALA A 470 -4.63 -17.88 -9.26
C ALA A 470 -3.71 -19.02 -9.79
N PRO A 471 -2.43 -19.09 -9.33
CA PRO A 471 -1.42 -19.97 -9.97
C PRO A 471 -1.63 -21.47 -9.74
N GLU A 472 -2.14 -21.87 -8.58
CA GLU A 472 -2.43 -23.28 -8.33
C GLU A 472 -3.51 -23.78 -9.30
N LEU A 473 -4.47 -22.92 -9.64
CA LEU A 473 -5.52 -23.29 -10.58
C LEU A 473 -5.03 -23.35 -12.03
N ARG A 474 -4.10 -22.47 -12.39
CA ARG A 474 -3.48 -22.47 -13.70
C ARG A 474 -2.70 -23.77 -13.85
N ALA A 475 -2.08 -24.21 -12.76
CA ALA A 475 -1.26 -25.41 -12.76
C ALA A 475 -2.12 -26.66 -13.01
N LYS A 476 -3.27 -26.72 -12.34
CA LYS A 476 -4.24 -27.78 -12.59
C LYS A 476 -4.81 -27.72 -14.02
N MET A 477 -5.05 -26.51 -14.52
CA MET A 477 -5.55 -26.36 -15.87
C MET A 477 -4.55 -26.92 -16.87
N ASP A 478 -3.27 -26.64 -16.66
CA ASP A 478 -2.20 -27.18 -17.52
C ASP A 478 -2.00 -28.70 -17.39
N GLU A 479 -2.12 -29.26 -16.17
CA GLU A 479 -2.03 -30.72 -15.99
C GLU A 479 -3.22 -31.45 -16.64
N LEU A 480 -4.38 -30.80 -16.76
CA LEU A 480 -5.47 -31.37 -17.56
C LEU A 480 -5.13 -31.50 -19.05
N TRP A 481 -4.70 -30.42 -19.70
CA TRP A 481 -4.33 -30.55 -21.10
C TRP A 481 -3.21 -31.56 -21.32
N ASN A 482 -2.33 -31.71 -20.32
CA ASN A 482 -1.26 -32.72 -20.41
C ASN A 482 -1.80 -34.13 -20.34
N LYS A 483 -2.65 -34.39 -19.35
CA LYS A 483 -3.29 -35.68 -19.20
C LYS A 483 -4.24 -36.03 -20.36
N LEU A 484 -4.76 -35.02 -21.04
CA LEU A 484 -5.72 -35.27 -22.12
C LEU A 484 -5.05 -35.59 -23.45
N SER A 485 -3.97 -34.86 -23.77
CA SER A 485 -3.27 -35.02 -25.04
C SER A 485 -2.41 -36.29 -25.05
N SER A 486 -1.91 -36.67 -23.87
CA SER A 486 -1.24 -37.97 -23.70
C SER A 486 -2.22 -39.02 -23.14
N LYS A 487 -3.45 -38.98 -23.66
CA LYS A 487 -4.60 -39.84 -23.26
C LYS A 487 -4.52 -40.60 -21.93
N GLU A 488 -4.37 -39.89 -20.81
CA GLU A 488 -4.39 -40.50 -19.47
C GLU A 488 -5.77 -40.26 -18.83
N ASP A 489 -6.14 -41.09 -17.86
CA ASP A 489 -7.39 -40.92 -17.09
C ASP A 489 -7.30 -39.61 -16.32
N ALA A 490 -8.15 -38.66 -16.73
CA ALA A 490 -8.17 -37.32 -16.15
C ALA A 490 -9.37 -37.14 -15.22
N SER A 491 -10.17 -38.21 -15.07
CA SER A 491 -11.50 -38.11 -14.40
C SER A 491 -11.49 -37.63 -12.94
N ALA A 492 -10.34 -37.72 -12.27
CA ALA A 492 -10.21 -37.20 -10.91
C ALA A 492 -9.88 -35.70 -10.89
N LEU A 493 -9.10 -35.24 -11.88
CA LEU A 493 -8.80 -33.83 -12.05
C LEU A 493 -10.04 -33.04 -12.46
N ILE A 494 -10.80 -33.60 -13.39
CA ILE A 494 -12.08 -33.03 -13.82
C ILE A 494 -13.04 -32.79 -12.65
N GLU A 495 -13.18 -33.75 -11.73
CA GLU A 495 -14.02 -33.54 -10.53
C GLU A 495 -13.41 -32.50 -9.56
N GLU A 496 -12.09 -32.50 -9.42
CA GLU A 496 -11.34 -31.48 -8.66
C GLU A 496 -11.63 -30.08 -9.21
N LEU A 497 -11.61 -29.95 -10.55
CA LEU A 497 -11.83 -28.67 -11.25
C LEU A 497 -13.27 -28.17 -11.24
N TYR A 498 -14.24 -29.07 -11.40
CA TYR A 498 -15.66 -28.74 -11.22
C TYR A 498 -15.87 -28.07 -9.85
N GLY A 499 -15.17 -28.55 -8.83
CA GLY A 499 -15.21 -27.99 -7.48
C GLY A 499 -14.67 -26.56 -7.43
N GLU A 500 -13.47 -26.32 -7.98
CA GLU A 500 -12.88 -24.99 -7.97
C GLU A 500 -13.84 -23.99 -8.65
N PHE A 501 -14.35 -24.35 -9.83
CA PHE A 501 -15.25 -23.47 -10.61
C PHE A 501 -16.59 -23.18 -9.94
N ALA A 502 -17.15 -24.19 -9.27
CA ALA A 502 -18.38 -24.03 -8.51
C ALA A 502 -18.14 -23.16 -7.30
N ARG A 503 -16.91 -23.22 -6.80
CA ARG A 503 -16.50 -22.47 -5.62
C ARG A 503 -16.36 -20.97 -5.92
N MET A 504 -15.81 -20.65 -7.08
CA MET A 504 -15.66 -19.27 -7.53
C MET A 504 -17.01 -18.61 -7.66
N GLU A 505 -17.95 -19.33 -8.26
CA GLU A 505 -19.31 -18.90 -8.34
C GLU A 505 -19.95 -18.74 -6.93
N GLU A 506 -19.85 -19.76 -6.07
CA GLU A 506 -20.38 -19.72 -4.69
C GLU A 506 -19.83 -18.53 -3.92
N ALA A 507 -18.53 -18.29 -4.05
CA ALA A 507 -17.85 -17.24 -3.29
C ALA A 507 -18.27 -15.88 -3.79
N CYS A 508 -18.15 -15.66 -5.09
CA CYS A 508 -18.53 -14.38 -5.69
C CYS A 508 -19.99 -14.01 -5.42
N ASN A 509 -20.89 -14.99 -5.42
CA ASN A 509 -22.28 -14.75 -5.02
C ASN A 509 -22.38 -14.34 -3.56
N ASN A 510 -21.58 -14.95 -2.68
CA ASN A 510 -21.59 -14.55 -1.29
C ASN A 510 -21.06 -13.13 -1.10
N LEU A 511 -20.04 -12.76 -1.88
CA LEU A 511 -19.50 -11.43 -1.77
C LEU A 511 -20.56 -10.43 -2.19
N LYS A 512 -21.21 -10.66 -3.34
CA LYS A 512 -22.32 -9.81 -3.82
C LYS A 512 -23.41 -9.62 -2.77
N ALA A 513 -23.72 -10.67 -2.02
CA ALA A 513 -24.80 -10.57 -1.05
C ALA A 513 -24.38 -9.85 0.23
N ASN A 514 -23.09 -9.89 0.59
CA ASN A 514 -22.68 -9.55 1.95
C ASN A 514 -21.59 -8.50 2.11
N LEU A 515 -20.99 -8.06 1.01
CA LEU A 515 -19.99 -7.02 1.09
C LEU A 515 -20.66 -5.66 1.40
N PRO A 516 -20.10 -4.88 2.35
CA PRO A 516 -20.56 -3.50 2.58
C PRO A 516 -20.45 -2.63 1.33
N GLU A 517 -21.37 -1.67 1.15
CA GLU A 517 -21.40 -0.78 -0.02
C GLU A 517 -20.02 -0.26 -0.42
N VAL A 518 -19.19 0.06 0.60
CA VAL A 518 -17.90 0.70 0.37
C VAL A 518 -16.96 -0.16 -0.48
N ALA A 519 -16.92 -1.46 -0.18
CA ALA A 519 -16.22 -2.44 -0.99
C ALA A 519 -17.02 -2.77 -2.26
N LEU A 520 -18.26 -3.18 -2.10
CA LEU A 520 -19.06 -3.64 -3.23
C LEU A 520 -19.16 -2.64 -4.40
N GLU A 521 -19.24 -1.35 -4.11
CA GLU A 521 -19.33 -0.33 -5.17
C GLU A 521 -18.04 -0.21 -5.96
N GLU A 522 -16.96 -0.76 -5.43
CA GLU A 522 -15.66 -0.80 -6.11
C GLU A 522 -15.40 -2.07 -6.97
N CYS A 523 -16.12 -3.16 -6.72
CA CYS A 523 -15.77 -4.44 -7.35
C CYS A 523 -16.91 -5.31 -7.88
N SER A 524 -18.14 -4.79 -7.89
CA SER A 524 -19.30 -5.58 -8.33
C SER A 524 -19.27 -6.02 -9.79
N ARG A 525 -18.76 -5.17 -10.67
CA ARG A 525 -18.67 -5.55 -12.07
C ARG A 525 -17.68 -6.69 -12.32
N GLN A 526 -16.65 -6.76 -11.48
CA GLN A 526 -15.64 -7.82 -11.54
C GLN A 526 -16.11 -9.10 -10.86
N LEU A 527 -16.99 -8.99 -9.89
CA LEU A 527 -17.63 -10.17 -9.31
C LEU A 527 -18.50 -10.81 -10.37
N ASP A 528 -19.33 -9.99 -11.04
CA ASP A 528 -20.15 -10.43 -12.17
C ASP A 528 -19.33 -11.12 -13.25
N GLU A 529 -18.18 -10.52 -13.56
CA GLU A 529 -17.25 -11.03 -14.57
C GLU A 529 -16.72 -12.41 -14.17
N LEU A 530 -16.33 -12.58 -12.92
CA LEU A 530 -15.78 -13.87 -12.49
C LEU A 530 -16.85 -14.97 -12.43
N ILE A 531 -18.09 -14.64 -12.10
CA ILE A 531 -19.17 -15.62 -12.11
C ILE A 531 -19.39 -16.07 -13.55
N THR A 532 -19.41 -15.11 -14.47
CA THR A 532 -19.52 -15.42 -15.89
C THR A 532 -18.42 -16.40 -16.32
N LEU A 533 -17.18 -16.09 -15.99
CA LEU A 533 -16.06 -16.96 -16.36
C LEU A 533 -16.11 -18.30 -15.64
N ALA A 534 -16.48 -18.32 -14.37
CA ALA A 534 -16.55 -19.60 -13.66
C ALA A 534 -17.54 -20.47 -14.38
N GLN A 535 -18.65 -19.88 -14.85
CA GLN A 535 -19.71 -20.65 -15.50
C GLN A 535 -19.28 -21.17 -16.85
N GLY A 536 -18.49 -20.37 -17.55
CA GLY A 536 -17.95 -20.75 -18.84
C GLY A 536 -16.87 -21.80 -18.72
N ASP A 537 -16.21 -21.85 -17.57
CA ASP A 537 -15.20 -22.87 -17.29
C ASP A 537 -15.93 -24.20 -17.03
N LYS A 538 -17.02 -24.15 -16.27
CA LYS A 538 -17.82 -25.34 -16.00
C LYS A 538 -18.30 -25.98 -17.31
N ALA A 539 -18.77 -25.16 -18.25
CA ALA A 539 -19.19 -25.62 -19.56
C ALA A 539 -18.00 -26.11 -20.35
N SER A 540 -16.85 -25.44 -20.21
CA SER A 540 -15.66 -25.92 -20.87
C SER A 540 -15.33 -27.37 -20.44
N LEU A 541 -15.39 -27.64 -19.14
CA LEU A 541 -15.21 -29.00 -18.67
C LEU A 541 -16.25 -29.93 -19.23
N ASP A 542 -17.51 -29.47 -19.29
CA ASP A 542 -18.60 -30.24 -19.89
C ASP A 542 -18.30 -30.60 -21.34
N MET A 543 -17.65 -29.68 -22.05
CA MET A 543 -17.18 -29.90 -23.41
C MET A 543 -16.09 -30.97 -23.47
N ILE A 544 -15.17 -30.95 -22.51
CA ILE A 544 -14.13 -31.97 -22.41
C ILE A 544 -14.77 -33.34 -22.19
N VAL A 545 -15.68 -33.42 -21.23
CA VAL A 545 -16.32 -34.69 -20.87
C VAL A 545 -17.20 -35.31 -21.98
N ALA A 546 -17.88 -34.49 -22.77
CA ALA A 546 -18.67 -34.98 -23.91
C ALA A 546 -17.79 -35.31 -25.12
N GLN A 547 -16.54 -34.87 -25.10
CA GLN A 547 -15.60 -35.28 -26.13
C GLN A 547 -15.06 -36.65 -25.73
N LEU A 548 -14.83 -36.85 -24.44
CA LEU A 548 -14.40 -38.15 -23.96
C LEU A 548 -15.46 -39.20 -24.23
N ASN A 549 -16.71 -38.89 -23.90
CA ASN A 549 -17.86 -39.79 -24.06
C ASN A 549 -18.42 -39.88 -25.51
N GLU A 550 -17.65 -39.41 -26.51
CA GLU A 550 -18.09 -39.31 -27.92
C GLU A 550 -19.60 -38.87 -28.07
N ASP A 551 -20.09 -38.02 -27.16
CA ASP A 551 -21.50 -37.52 -27.10
C ASP A 551 -21.63 -36.14 -27.76
N THR A 552 -22.15 -36.06 -28.98
CA THR A 552 -22.09 -34.81 -29.77
C THR A 552 -23.20 -33.79 -29.48
N GLU A 553 -24.39 -34.30 -29.15
CA GLU A 553 -25.54 -33.48 -28.74
C GLU A 553 -25.15 -32.57 -27.55
N ALA A 554 -24.43 -33.15 -26.58
CA ALA A 554 -24.06 -32.50 -25.31
C ALA A 554 -22.79 -31.67 -25.42
N TYR A 555 -21.99 -31.93 -26.44
CA TYR A 555 -20.77 -31.15 -26.69
C TYR A 555 -21.11 -29.85 -27.36
N GLU A 556 -21.98 -29.91 -28.38
CA GLU A 556 -22.43 -28.73 -29.13
C GLU A 556 -23.18 -27.73 -28.26
N SER A 557 -23.89 -28.22 -27.25
CA SER A 557 -24.67 -27.34 -26.39
C SER A 557 -23.91 -26.80 -25.18
N ALA A 558 -22.86 -27.52 -24.77
CA ALA A 558 -21.89 -26.99 -23.82
C ALA A 558 -20.93 -26.05 -24.54
N LYS A 559 -20.79 -26.18 -25.85
CA LYS A 559 -19.96 -25.28 -26.61
C LYS A 559 -20.67 -23.96 -26.82
N GLU A 560 -21.98 -23.98 -27.03
CA GLU A 560 -22.71 -22.72 -27.17
C GLU A 560 -22.65 -21.95 -25.85
N ILE A 561 -22.88 -22.65 -24.74
CA ILE A 561 -22.81 -22.05 -23.41
C ILE A 561 -21.43 -21.44 -23.13
N ALA A 562 -20.36 -22.18 -23.38
CA ALA A 562 -19.02 -21.66 -23.23
C ALA A 562 -18.78 -20.40 -24.09
N GLN A 563 -19.22 -20.42 -25.35
CA GLN A 563 -19.09 -19.30 -26.27
C GLN A 563 -19.85 -18.06 -25.79
N ASN A 564 -21.01 -18.30 -25.17
CA ASN A 564 -21.88 -17.25 -24.69
C ASN A 564 -21.29 -16.51 -23.49
N LYS A 565 -20.63 -17.27 -22.60
CA LYS A 565 -19.95 -16.74 -21.43
C LYS A 565 -18.72 -15.94 -21.86
N LEU A 566 -17.88 -16.53 -22.71
CA LEU A 566 -16.70 -15.84 -23.19
C LEU A 566 -17.03 -14.57 -23.96
N ASN A 567 -18.10 -14.62 -24.77
CA ASN A 567 -18.58 -13.43 -25.48
C ASN A 567 -18.98 -12.29 -24.54
N THR A 568 -19.63 -12.66 -23.43
CA THR A 568 -20.02 -11.72 -22.38
C THR A 568 -18.82 -11.12 -21.65
N ALA A 569 -17.78 -11.90 -21.44
CA ALA A 569 -16.64 -11.41 -20.69
C ALA A 569 -15.74 -10.53 -21.55
N LEU A 570 -15.60 -10.87 -22.82
CA LEU A 570 -14.72 -10.15 -23.73
C LEU A 570 -15.22 -8.76 -24.07
N SER A 571 -16.54 -8.58 -24.09
CA SER A 571 -17.07 -7.26 -24.43
C SER A 571 -17.53 -6.44 -23.20
N SER A 572 -17.58 -7.03 -22.01
CA SER A 572 -17.83 -6.27 -20.78
C SER A 572 -16.60 -5.43 -20.43
N PHE A 573 -16.82 -4.27 -19.82
CA PHE A 573 -15.76 -3.41 -19.29
C PHE A 573 -14.80 -4.09 -18.27
N ALA A 574 -15.40 -4.79 -17.30
CA ALA A 574 -14.66 -5.49 -16.24
C ALA A 574 -13.70 -6.48 -16.85
N VAL A 575 -12.54 -6.62 -16.23
CA VAL A 575 -11.50 -7.56 -16.67
C VAL A 575 -10.96 -8.31 -15.46
N ILE A 576 -10.88 -9.63 -15.59
CA ILE A 576 -10.39 -10.44 -14.49
C ILE A 576 -9.90 -11.78 -15.01
N SER A 577 -8.94 -12.35 -14.31
CA SER A 577 -8.38 -13.66 -14.60
C SER A 577 -8.09 -13.95 -16.09
N GLU A 578 -7.56 -12.96 -16.81
CA GLU A 578 -7.35 -13.10 -18.26
C GLU A 578 -6.57 -14.38 -18.64
N LYS A 579 -5.45 -14.63 -17.98
CA LYS A 579 -4.60 -15.78 -18.32
C LYS A 579 -5.01 -17.10 -17.63
N VAL A 580 -6.06 -17.07 -16.80
CA VAL A 580 -6.50 -18.28 -16.09
C VAL A 580 -7.95 -18.66 -16.42
N ALA A 581 -8.93 -18.15 -15.67
CA ALA A 581 -10.34 -18.50 -15.89
C ALA A 581 -10.83 -18.21 -17.33
N GLN A 582 -10.34 -17.10 -17.91
CA GLN A 582 -10.71 -16.67 -19.26
C GLN A 582 -10.00 -17.50 -20.31
N SER A 583 -8.68 -17.59 -20.18
CA SER A 583 -7.89 -18.35 -21.11
C SER A 583 -8.32 -19.83 -21.15
N PHE A 584 -8.81 -20.34 -20.03
CA PHE A 584 -9.32 -21.72 -20.01
C PHE A 584 -10.42 -21.94 -21.02
N ILE A 585 -11.35 -21.00 -21.13
CA ILE A 585 -12.43 -21.12 -22.12
C ILE A 585 -11.91 -20.97 -23.55
N GLN A 586 -10.96 -20.07 -23.78
CA GLN A 586 -10.36 -19.93 -25.10
C GLN A 586 -9.60 -21.21 -25.49
N GLU A 587 -9.01 -21.87 -24.50
CA GLU A 587 -8.24 -23.06 -24.73
C GLU A 587 -9.16 -24.18 -25.19
N ALA A 588 -10.24 -24.39 -24.44
CA ALA A 588 -11.27 -25.39 -24.75
C ALA A 588 -12.02 -25.21 -26.08
N LEU A 589 -11.94 -24.03 -26.69
CA LEU A 589 -12.58 -23.76 -27.98
C LEU A 589 -11.61 -23.83 -29.17
N SER A 590 -11.06 -25.01 -29.46
CA SER A 590 -10.07 -25.17 -30.59
C SER A 590 -9.95 -26.63 -31.17
N LEU B 2 -2.26 14.30 -25.01
CA LEU B 2 -1.16 13.53 -24.35
C LEU B 2 -1.35 13.49 -22.83
N TRP B 3 -1.11 12.31 -22.23
CA TRP B 3 -1.07 12.05 -20.75
C TRP B 3 -2.42 11.76 -20.04
N VAL B 4 -2.80 10.48 -20.05
CA VAL B 4 -4.01 9.95 -19.39
C VAL B 4 -3.55 8.74 -18.54
N ASP B 5 -2.31 8.32 -18.81
CA ASP B 5 -1.52 7.36 -18.04
C ASP B 5 -0.05 7.66 -18.36
N SER B 6 0.87 6.84 -17.87
CA SER B 6 2.28 7.07 -18.15
C SER B 6 2.80 6.28 -19.34
N THR B 7 2.00 6.22 -20.40
CA THR B 7 2.41 5.58 -21.65
C THR B 7 3.68 6.24 -22.14
N PRO B 8 4.72 5.43 -22.43
CA PRO B 8 5.99 5.99 -22.90
C PRO B 8 5.82 6.72 -24.25
N PRO B 9 6.83 7.54 -24.66
CA PRO B 9 6.63 8.30 -25.91
C PRO B 9 7.26 7.63 -27.15
#